data_6S2R
#
_entry.id   6S2R
#
_cell.length_a   98.953
_cell.length_b   48.830
_cell.length_c   93.477
_cell.angle_alpha   90.00
_cell.angle_beta   104.33
_cell.angle_gamma   90.00
#
_symmetry.space_group_name_H-M   'C 1 2 1'
#
loop_
_entity.id
_entity.type
_entity.pdbx_description
1 polymer 'Glucosyl-3-phosphoglycerate phosphatase'
2 non-polymer GLYCEROL
3 non-polymer 'CALCIUM ION'
4 water water
#
_entity_poly.entity_id   1
_entity_poly.type   'polypeptide(L)'
_entity_poly.pdbx_seq_one_letter_code
;MRARRLVMLRHGQTDYNVGSRMQGQLDTELSELGRTQAVAAAEVLGKRQPLLIVSSDLRRAYDTAVKLGERTGLVVRVDT
RLRETHLGDWQGLTHAQIDADAPGARLAWREDATWAPHGGESRVDVAARSRPLVAELVASEPEWGGADEPDRPVVLVAHG
GLIAALSAALLKLPVANWPALGGMGNASWTQLSGHWAPGSDFESIRWRLDVWNASAQVSSDVLKLAAALEHHHHHH
;
_entity_poly.pdbx_strand_id   A,B
#
loop_
_chem_comp.id
_chem_comp.type
_chem_comp.name
_chem_comp.formula
CA non-polymer 'CALCIUM ION' 'Ca 2'
GOL non-polymer GLYCEROL 'C3 H8 O3'
#
# COMPACT_ATOMS: atom_id res chain seq x y z
N MET A 1 -22.98 -2.54 10.57
CA MET A 1 -21.59 -2.21 10.88
C MET A 1 -21.15 -0.94 10.16
N ARG A 2 -20.56 0.00 10.89
CA ARG A 2 -20.06 1.22 10.30
C ARG A 2 -18.55 1.14 10.11
N ALA A 3 -18.01 2.14 9.40
CA ALA A 3 -16.57 2.25 9.17
C ALA A 3 -16.10 3.69 9.24
N ARG A 4 -14.97 3.90 9.93
CA ARG A 4 -14.26 5.17 10.03
C ARG A 4 -13.01 5.08 9.17
N ARG A 5 -12.81 6.07 8.29
CA ARG A 5 -11.65 6.07 7.39
C ARG A 5 -10.56 6.95 7.96
N LEU A 6 -9.35 6.41 7.97
CA LEU A 6 -8.19 7.10 8.54
C LEU A 6 -7.13 7.15 7.47
N VAL A 7 -6.75 8.34 7.04
CA VAL A 7 -5.71 8.55 6.04
C VAL A 7 -4.46 9.09 6.72
N MET A 8 -3.30 8.52 6.36
CA MET A 8 -2.01 8.98 6.90
C MET A 8 -1.16 9.40 5.72
N LEU A 9 -0.75 10.66 5.69
CA LEU A 9 0.02 11.26 4.62
C LEU A 9 1.47 11.49 5.06
N ARG A 10 2.44 11.00 4.30
CA ARG A 10 3.85 11.26 4.61
C ARG A 10 4.24 12.65 4.16
N HIS A 11 5.22 13.24 4.84
CA HIS A 11 5.73 14.54 4.39
C HIS A 11 6.30 14.45 2.97
N GLY A 12 6.31 15.58 2.27
CA GLY A 12 7.02 15.67 1.02
C GLY A 12 8.54 15.55 1.20
N GLN A 13 9.21 15.37 0.06
CA GLN A 13 10.65 15.13 0.04
C GLN A 13 11.44 16.28 0.66
N THR A 14 12.51 15.96 1.38
CA THR A 14 13.50 16.94 1.84
C THR A 14 14.85 16.63 1.17
N ASP A 15 15.81 17.54 1.35
CA ASP A 15 17.16 17.31 0.84
C ASP A 15 17.82 16.10 1.48
N TYR A 16 17.49 15.81 2.76
CA TYR A 16 18.02 14.62 3.41
C TYR A 16 17.53 13.34 2.75
N ASN A 17 16.25 13.32 2.33
CA ASN A 17 15.76 12.19 1.54
C ASN A 17 16.62 11.98 0.31
N VAL A 18 16.88 13.05 -0.45
CA VAL A 18 17.69 12.93 -1.66
C VAL A 18 19.08 12.39 -1.33
N GLY A 19 19.64 12.79 -0.20
CA GLY A 19 20.99 12.38 0.16
C GLY A 19 21.10 11.09 0.92
N SER A 20 20.00 10.37 1.11
CA SER A 20 19.97 9.15 1.92
C SER A 20 20.52 9.39 3.33
N ARG A 21 20.14 10.54 3.90
CA ARG A 21 20.62 10.95 5.21
C ARG A 21 19.45 10.81 6.18
N MET A 22 19.65 10.04 7.25
CA MET A 22 18.56 9.80 8.19
C MET A 22 18.16 11.08 8.90
N GLN A 23 16.85 11.28 9.01
CA GLN A 23 16.30 12.50 9.58
C GLN A 23 15.82 12.29 11.01
N GLY A 24 14.97 11.32 11.25
CA GLY A 24 14.44 11.14 12.60
C GLY A 24 13.70 12.40 13.05
N GLN A 25 14.02 12.90 14.24
CA GLN A 25 13.40 14.12 14.74
C GLN A 25 14.19 15.39 14.44
N LEU A 26 15.22 15.32 13.60
CA LEU A 26 15.82 16.56 13.09
C LEU A 26 14.77 17.33 12.30
N ASP A 27 14.82 18.65 12.37
CA ASP A 27 13.72 19.45 11.80
C ASP A 27 14.08 19.99 10.41
N THR A 28 14.23 19.05 9.47
CA THR A 28 14.64 19.35 8.09
C THR A 28 13.49 20.00 7.30
N GLU A 29 13.85 20.72 6.24
CA GLU A 29 12.90 21.47 5.43
C GLU A 29 12.50 20.71 4.16
N LEU A 30 11.25 20.92 3.74
CA LEU A 30 10.83 20.47 2.41
C LEU A 30 11.71 21.09 1.34
N SER A 31 12.01 20.31 0.32
CA SER A 31 12.63 20.83 -0.89
C SER A 31 11.56 21.42 -1.81
N GLU A 32 12.01 22.04 -2.90
CA GLU A 32 11.06 22.53 -3.89
C GLU A 32 10.14 21.42 -4.39
N LEU A 33 10.70 20.24 -4.65
CA LEU A 33 9.86 19.13 -5.08
C LEU A 33 8.94 18.66 -3.96
N GLY A 34 9.42 18.67 -2.71
CA GLY A 34 8.54 18.31 -1.60
C GLY A 34 7.31 19.18 -1.52
N ARG A 35 7.49 20.49 -1.69
CA ARG A 35 6.36 21.40 -1.74
C ARG A 35 5.42 21.08 -2.90
N THR A 36 5.99 20.83 -4.08
CA THR A 36 5.17 20.52 -5.26
C THR A 36 4.36 19.23 -5.06
N GLN A 37 5.00 18.18 -4.54
CA GLN A 37 4.29 16.92 -4.34
C GLN A 37 3.24 17.04 -3.25
N ALA A 38 3.47 17.87 -2.24
CA ALA A 38 2.45 18.08 -1.21
C ALA A 38 1.21 18.72 -1.82
N VAL A 39 1.39 19.65 -2.75
CA VAL A 39 0.26 20.26 -3.44
C VAL A 39 -0.51 19.21 -4.21
N ALA A 40 0.21 18.33 -4.92
CA ALA A 40 -0.46 17.32 -5.72
C ALA A 40 -1.22 16.31 -4.86
N ALA A 41 -0.67 15.92 -3.72
CA ALA A 41 -1.41 15.03 -2.84
C ALA A 41 -2.62 15.72 -2.23
N ALA A 42 -2.48 17.02 -1.90
CA ALA A 42 -3.63 17.75 -1.37
C ALA A 42 -4.76 17.83 -2.38
N GLU A 43 -4.41 17.98 -3.66
CA GLU A 43 -5.42 17.97 -4.71
C GLU A 43 -6.19 16.66 -4.72
N VAL A 44 -5.50 15.53 -4.53
CA VAL A 44 -6.20 14.25 -4.54
C VAL A 44 -7.01 14.07 -3.27
N LEU A 45 -6.36 14.28 -2.12
CA LEU A 45 -7.00 14.03 -0.83
C LEU A 45 -8.08 15.05 -0.50
N GLY A 46 -7.94 16.29 -0.99
CA GLY A 46 -8.95 17.30 -0.73
C GLY A 46 -10.31 16.93 -1.28
N LYS A 47 -10.33 16.18 -2.39
CA LYS A 47 -11.59 15.79 -3.00
C LYS A 47 -12.40 14.86 -2.10
N ARG A 48 -11.73 14.21 -1.15
CA ARG A 48 -12.39 13.31 -0.21
C ARG A 48 -13.06 14.04 0.93
N GLN A 49 -12.96 15.36 0.99
CA GLN A 49 -13.50 16.22 2.03
C GLN A 49 -13.09 15.72 3.42
N PRO A 50 -11.82 15.83 3.77
CA PRO A 50 -11.37 15.42 5.11
C PRO A 50 -12.19 16.07 6.21
N LEU A 51 -12.37 15.33 7.29
CA LEU A 51 -13.07 15.86 8.47
C LEU A 51 -12.18 16.81 9.27
N LEU A 52 -10.93 16.43 9.48
CA LEU A 52 -9.96 17.19 10.27
C LEU A 52 -8.57 16.70 9.91
N ILE A 53 -7.58 17.52 10.24
CA ILE A 53 -6.18 17.29 9.95
C ILE A 53 -5.40 17.40 11.25
N VAL A 54 -4.54 16.41 11.55
CA VAL A 54 -3.58 16.48 12.64
C VAL A 54 -2.20 16.22 12.05
N SER A 55 -1.24 17.04 12.39
CA SER A 55 0.11 16.97 11.87
C SER A 55 1.15 16.89 12.97
N SER A 56 2.25 16.18 12.70
CA SER A 56 3.47 16.31 13.47
C SER A 56 3.91 17.77 13.50
N ASP A 57 4.63 18.15 14.57
CA ASP A 57 5.19 19.50 14.65
C ASP A 57 6.45 19.69 13.81
N LEU A 58 7.03 18.64 13.26
CA LEU A 58 8.21 18.82 12.44
C LEU A 58 7.80 19.51 11.15
N ARG A 59 8.59 20.52 10.73
CA ARG A 59 8.14 21.41 9.66
C ARG A 59 7.91 20.69 8.34
N ARG A 60 8.65 19.60 8.07
CA ARG A 60 8.42 18.92 6.80
C ARG A 60 7.01 18.34 6.73
N ALA A 61 6.50 17.82 7.86
CA ALA A 61 5.12 17.38 7.90
C ALA A 61 4.14 18.55 8.00
N TYR A 62 4.41 19.50 8.89
CA TYR A 62 3.48 20.62 9.05
C TYR A 62 3.27 21.37 7.74
N ASP A 63 4.37 21.63 7.02
CA ASP A 63 4.24 22.37 5.77
C ASP A 63 3.49 21.55 4.72
N THR A 64 3.60 20.22 4.77
CA THR A 64 2.78 19.37 3.91
C THR A 64 1.30 19.47 4.30
N ALA A 65 1.03 19.41 5.61
CA ALA A 65 -0.35 19.52 6.08
C ALA A 65 -0.98 20.84 5.71
N VAL A 66 -0.19 21.93 5.74
CA VAL A 66 -0.70 23.26 5.40
C VAL A 66 -1.22 23.29 3.97
N LYS A 67 -0.57 22.58 3.03
CA LYS A 67 -1.09 22.55 1.66
C LYS A 67 -2.48 21.91 1.62
N LEU A 68 -2.69 20.88 2.43
CA LEU A 68 -4.01 20.25 2.51
C LEU A 68 -5.00 21.16 3.23
N GLY A 69 -4.54 21.88 4.26
CA GLY A 69 -5.43 22.81 4.93
C GLY A 69 -5.88 23.92 4.00
N GLU A 70 -4.97 24.42 3.15
CA GLU A 70 -5.33 25.50 2.23
C GLU A 70 -6.33 25.01 1.19
N ARG A 71 -6.17 23.77 0.74
N ARG A 71 -6.18 23.77 0.75
CA ARG A 71 -7.05 23.21 -0.29
CA ARG A 71 -7.04 23.21 -0.28
C ARG A 71 -8.45 22.93 0.26
C ARG A 71 -8.43 22.90 0.26
N THR A 72 -8.54 22.59 1.54
CA THR A 72 -9.79 22.16 2.15
C THR A 72 -10.44 23.21 3.04
N GLY A 73 -9.75 24.28 3.41
CA GLY A 73 -10.29 25.18 4.41
C GLY A 73 -10.26 24.69 5.84
N LEU A 74 -9.55 23.61 6.15
CA LEU A 74 -9.50 23.08 7.51
C LEU A 74 -8.27 23.60 8.26
N VAL A 75 -8.39 23.65 9.58
N VAL A 75 -8.43 23.74 9.58
CA VAL A 75 -7.31 24.07 10.46
CA VAL A 75 -7.29 24.05 10.42
C VAL A 75 -6.43 22.89 10.83
C VAL A 75 -6.41 22.81 10.57
N VAL A 76 -5.11 23.06 10.72
CA VAL A 76 -4.16 21.99 10.98
C VAL A 76 -3.90 21.92 12.49
N ARG A 77 -4.34 20.84 13.14
CA ARG A 77 -3.96 20.60 14.53
C ARG A 77 -2.54 20.06 14.57
N VAL A 78 -1.82 20.35 15.63
CA VAL A 78 -0.43 19.93 15.76
C VAL A 78 -0.30 19.02 16.96
N ASP A 79 0.35 17.88 16.78
CA ASP A 79 0.49 16.90 17.86
C ASP A 79 1.88 16.28 17.79
N THR A 80 2.70 16.50 18.84
CA THR A 80 4.06 15.94 18.85
C THR A 80 4.06 14.42 18.88
N ARG A 81 2.93 13.79 19.25
CA ARG A 81 2.88 12.32 19.22
C ARG A 81 3.00 11.76 17.82
N LEU A 82 2.83 12.59 16.78
CA LEU A 82 3.02 12.19 15.40
C LEU A 82 4.44 12.40 14.89
N ARG A 83 5.40 12.76 15.73
CA ARG A 83 6.78 12.93 15.26
C ARG A 83 7.33 11.62 14.75
N GLU A 84 8.27 11.73 13.80
CA GLU A 84 9.01 10.56 13.34
C GLU A 84 9.75 9.91 14.50
N THR A 85 10.02 8.61 14.35
CA THR A 85 10.96 7.89 15.23
C THR A 85 12.18 8.75 15.52
N HIS A 86 12.56 8.84 16.80
CA HIS A 86 13.87 9.38 17.10
C HIS A 86 14.90 8.31 16.75
N LEU A 87 15.83 8.63 15.87
CA LEU A 87 16.80 7.66 15.40
C LEU A 87 18.16 7.79 16.09
N GLY A 88 18.19 8.47 17.23
CA GLY A 88 19.37 8.38 18.09
C GLY A 88 20.64 8.81 17.39
N ASP A 89 21.69 8.00 17.53
CA ASP A 89 22.99 8.31 16.96
C ASP A 89 23.01 8.23 15.45
N TRP A 90 21.92 7.77 14.80
CA TRP A 90 21.89 7.76 13.35
C TRP A 90 21.42 9.08 12.77
N GLN A 91 20.86 9.99 13.58
CA GLN A 91 20.30 11.22 13.00
C GLN A 91 21.40 12.04 12.37
N GLY A 92 21.20 12.39 11.08
CA GLY A 92 22.16 13.17 10.34
C GLY A 92 23.20 12.36 9.59
N LEU A 93 23.16 11.03 9.68
CA LEU A 93 24.15 10.18 9.04
C LEU A 93 23.55 9.55 7.79
N THR A 94 24.39 9.38 6.77
CA THR A 94 23.93 8.65 5.60
C THR A 94 23.92 7.15 5.85
N HIS A 95 23.23 6.44 4.96
CA HIS A 95 23.27 4.98 4.96
C HIS A 95 24.70 4.45 4.96
N ALA A 96 25.58 5.01 4.11
CA ALA A 96 26.95 4.52 4.03
C ALA A 96 27.69 4.75 5.35
N GLN A 97 27.45 5.87 6.02
N GLN A 97 27.47 5.89 5.99
CA GLN A 97 28.13 6.11 7.28
CA GLN A 97 28.08 6.17 7.28
C GLN A 97 27.62 5.18 8.38
C GLN A 97 27.62 5.18 8.34
N ILE A 98 26.32 4.90 8.39
CA ILE A 98 25.79 3.90 9.31
C ILE A 98 26.39 2.53 9.03
N ASP A 99 26.46 2.15 7.75
CA ASP A 99 26.96 0.82 7.42
C ASP A 99 28.44 0.68 7.74
N ALA A 100 29.20 1.76 7.65
CA ALA A 100 30.62 1.71 7.98
C ALA A 100 30.86 1.62 9.48
N ASP A 101 30.01 2.26 10.28
CA ASP A 101 30.13 2.27 11.72
C ASP A 101 29.49 1.04 12.35
N ALA A 102 28.44 0.50 11.74
CA ALA A 102 27.73 -0.65 12.30
C ALA A 102 27.18 -1.51 11.19
N PRO A 103 28.02 -2.31 10.54
CA PRO A 103 27.55 -3.14 9.43
C PRO A 103 26.51 -4.15 9.92
N GLY A 104 25.40 -4.25 9.18
CA GLY A 104 24.30 -5.11 9.53
C GLY A 104 23.23 -4.47 10.40
N ALA A 105 23.54 -3.34 11.05
CA ALA A 105 22.58 -2.70 11.95
C ALA A 105 21.35 -2.20 11.20
N ARG A 106 21.54 -1.53 10.07
CA ARG A 106 20.40 -1.03 9.30
C ARG A 106 19.50 -2.17 8.84
N LEU A 107 20.11 -3.26 8.38
CA LEU A 107 19.34 -4.43 7.96
C LEU A 107 18.58 -5.03 9.14
N ALA A 108 19.24 -5.20 10.28
CA ALA A 108 18.56 -5.74 11.46
C ALA A 108 17.36 -4.88 11.83
N TRP A 109 17.56 -3.56 11.80
CA TRP A 109 16.50 -2.61 12.13
C TRP A 109 15.31 -2.73 11.19
N ARG A 110 15.58 -2.87 9.88
CA ARG A 110 14.50 -3.07 8.91
C ARG A 110 13.71 -4.35 9.17
N GLU A 111 14.33 -5.35 9.77
CA GLU A 111 13.71 -6.66 9.98
C GLU A 111 13.16 -6.87 11.39
N ASP A 112 13.26 -5.88 12.29
CA ASP A 112 12.87 -6.08 13.69
C ASP A 112 12.32 -4.77 14.25
N ALA A 113 11.02 -4.76 14.50
CA ALA A 113 10.36 -3.54 14.98
C ALA A 113 10.65 -3.22 16.43
N THR A 114 11.37 -4.08 17.15
CA THR A 114 11.85 -3.79 18.50
C THR A 114 13.30 -3.30 18.53
N TRP A 115 13.97 -3.23 17.39
N TRP A 115 13.98 -3.32 17.40
CA TRP A 115 15.42 -2.99 17.32
CA TRP A 115 15.35 -2.86 17.31
C TRP A 115 15.70 -1.48 17.32
C TRP A 115 15.34 -1.35 17.19
N ALA A 116 16.63 -1.05 18.18
N ALA A 116 16.20 -0.69 17.95
CA ALA A 116 17.04 0.36 18.23
CA ALA A 116 16.31 0.76 17.89
C ALA A 116 18.51 0.46 18.59
C ALA A 116 17.76 1.17 17.85
N PRO A 117 19.40 -0.03 17.72
N PRO A 117 18.09 2.21 17.06
CA PRO A 117 20.84 0.02 18.03
CA PRO A 117 19.44 2.78 17.13
C PRO A 117 21.39 1.43 18.00
C PRO A 117 19.72 3.23 18.56
N HIS A 118 20.63 2.37 17.47
N HIS A 118 21.01 3.28 18.91
CA HIS A 118 21.01 3.78 17.40
CA HIS A 118 21.36 3.73 20.24
C HIS A 118 20.77 4.52 18.71
C HIS A 118 20.82 5.14 20.47
N GLY A 119 20.11 3.89 19.70
N GLY A 119 20.15 5.33 21.60
CA GLY A 119 19.88 4.50 20.99
CA GLY A 119 19.56 6.60 21.95
C GLY A 119 18.63 5.33 21.11
C GLY A 119 18.24 6.87 21.26
N GLY A 120 17.83 5.43 20.04
N GLY A 120 17.79 5.97 20.40
CA GLY A 120 16.60 6.21 20.02
CA GLY A 120 16.60 6.16 19.62
C GLY A 120 15.36 5.38 20.27
C GLY A 120 15.45 5.27 20.08
N GLU A 121 14.32 5.50 19.45
CA GLU A 121 13.09 4.76 19.65
C GLU A 121 13.00 3.56 18.71
N SER A 122 12.34 2.51 19.18
CA SER A 122 11.94 1.43 18.29
C SER A 122 10.57 1.73 17.70
N ARG A 123 10.17 0.95 16.70
N ARG A 123 10.18 0.94 16.70
CA ARG A 123 8.84 1.18 16.15
CA ARG A 123 8.84 1.10 16.12
C ARG A 123 7.75 0.87 17.16
C ARG A 123 7.76 0.88 17.18
N VAL A 124 7.99 -0.07 18.08
CA VAL A 124 7.05 -0.28 19.17
C VAL A 124 6.90 0.99 20.00
N ASP A 125 8.01 1.68 20.32
CA ASP A 125 7.91 2.92 21.09
C ASP A 125 7.07 3.95 20.35
N VAL A 126 7.26 4.04 19.03
CA VAL A 126 6.56 5.06 18.23
C VAL A 126 5.07 4.77 18.17
N ALA A 127 4.68 3.50 17.94
CA ALA A 127 3.28 3.12 17.99
C ALA A 127 2.67 3.41 19.35
N ALA A 128 3.42 3.13 20.42
CA ALA A 128 2.87 3.29 21.75
C ALA A 128 2.56 4.75 22.05
N ARG A 129 3.35 5.68 21.52
CA ARG A 129 3.03 7.07 21.85
C ARG A 129 1.99 7.65 20.93
N SER A 130 1.82 7.09 19.73
CA SER A 130 0.90 7.65 18.74
C SER A 130 -0.48 7.03 18.73
N ARG A 131 -0.62 5.73 19.03
N ARG A 131 -0.60 5.74 19.02
CA ARG A 131 -1.94 5.12 19.03
CA ARG A 131 -1.90 5.08 19.06
C ARG A 131 -2.93 5.82 19.95
C ARG A 131 -2.92 5.80 19.95
N PRO A 132 -2.55 6.35 21.11
CA PRO A 132 -3.55 7.05 21.94
C PRO A 132 -4.18 8.24 21.26
N LEU A 133 -3.48 8.90 20.34
CA LEU A 133 -4.13 9.97 19.57
C LEU A 133 -5.34 9.41 18.81
N VAL A 134 -5.20 8.24 18.19
CA VAL A 134 -6.32 7.68 17.44
C VAL A 134 -7.48 7.32 18.37
N ALA A 135 -7.20 6.76 19.56
CA ALA A 135 -8.28 6.47 20.49
C ALA A 135 -8.96 7.75 20.95
N GLU A 136 -8.19 8.82 21.16
CA GLU A 136 -8.78 10.10 21.58
C GLU A 136 -9.70 10.65 20.50
N LEU A 137 -9.29 10.53 19.23
CA LEU A 137 -10.12 11.00 18.14
C LEU A 137 -11.41 10.20 18.04
N VAL A 138 -11.34 8.87 18.20
CA VAL A 138 -12.56 8.06 18.21
C VAL A 138 -13.50 8.52 19.33
N ALA A 139 -12.93 8.76 20.52
CA ALA A 139 -13.75 9.13 21.67
C ALA A 139 -14.33 10.54 21.55
N SER A 140 -13.69 11.45 20.81
CA SER A 140 -14.07 12.87 20.87
C SER A 140 -14.62 13.43 19.57
N GLU A 141 -14.72 12.64 18.50
CA GLU A 141 -15.21 13.12 17.20
C GLU A 141 -16.41 12.28 16.79
N PRO A 142 -17.60 12.59 17.29
CA PRO A 142 -18.77 11.74 16.99
C PRO A 142 -19.16 11.77 15.52
N GLU A 143 -18.73 12.80 14.76
CA GLU A 143 -19.01 12.84 13.32
C GLU A 143 -18.17 11.87 12.53
N TRP A 144 -17.07 11.38 13.08
CA TRP A 144 -16.14 10.54 12.31
C TRP A 144 -16.77 9.18 12.06
N GLY A 145 -17.03 8.85 10.79
CA GLY A 145 -17.82 7.67 10.50
C GLY A 145 -19.26 7.84 10.88
N GLY A 146 -19.72 9.08 11.05
CA GLY A 146 -21.00 9.38 11.61
C GLY A 146 -22.08 9.59 10.57
N ALA A 147 -23.25 10.01 11.05
CA ALA A 147 -24.49 9.91 10.27
C ALA A 147 -24.40 10.67 8.95
N ASP A 148 -24.03 11.95 9.02
CA ASP A 148 -24.14 12.83 7.86
C ASP A 148 -23.31 12.32 6.69
N GLU A 149 -21.98 12.25 6.87
CA GLU A 149 -21.03 11.94 5.81
C GLU A 149 -20.04 10.91 6.36
N PRO A 150 -20.41 9.64 6.32
CA PRO A 150 -19.61 8.63 7.05
C PRO A 150 -18.23 8.41 6.49
N ASP A 151 -17.99 8.73 5.21
CA ASP A 151 -16.70 8.39 4.59
C ASP A 151 -15.67 9.50 4.64
N ARG A 152 -15.99 10.66 5.22
CA ARG A 152 -15.01 11.74 5.33
C ARG A 152 -13.87 11.29 6.21
N PRO A 153 -12.63 11.32 5.74
CA PRO A 153 -11.52 10.75 6.53
C PRO A 153 -10.94 11.73 7.52
N VAL A 154 -10.45 11.19 8.64
CA VAL A 154 -9.46 11.91 9.44
C VAL A 154 -8.13 11.78 8.71
N VAL A 155 -7.38 12.88 8.57
CA VAL A 155 -6.05 12.85 7.97
C VAL A 155 -4.97 13.17 9.01
N LEU A 156 -4.02 12.25 9.20
CA LEU A 156 -2.81 12.48 9.99
C LEU A 156 -1.65 12.72 9.03
N VAL A 157 -0.89 13.77 9.24
CA VAL A 157 0.25 14.11 8.39
C VAL A 157 1.50 13.89 9.20
N ALA A 158 2.33 12.97 8.76
CA ALA A 158 3.46 12.54 9.58
C ALA A 158 4.62 12.04 8.70
N HIS A 159 5.08 10.82 8.98
CA HIS A 159 6.43 10.37 8.62
C HIS A 159 6.39 8.87 8.39
N GLY A 160 7.29 8.39 7.54
CA GLY A 160 7.18 6.99 7.12
C GLY A 160 7.32 5.98 8.26
N GLY A 161 8.26 6.19 9.18
CA GLY A 161 8.38 5.30 10.34
C GLY A 161 7.14 5.29 11.19
N LEU A 162 6.65 6.48 11.56
N LEU A 162 6.63 6.48 11.54
CA LEU A 162 5.42 6.60 12.33
CA LEU A 162 5.43 6.53 12.37
C LEU A 162 4.29 5.86 11.64
C LEU A 162 4.24 5.90 11.65
N ILE A 163 4.12 6.10 10.33
CA ILE A 163 2.96 5.55 9.63
C ILE A 163 3.00 4.02 9.61
N ALA A 164 4.19 3.44 9.39
CA ALA A 164 4.29 1.97 9.42
C ALA A 164 4.00 1.40 10.81
N ALA A 165 4.51 2.05 11.85
CA ALA A 165 4.34 1.52 13.21
C ALA A 165 2.88 1.67 13.65
N LEU A 166 2.33 2.86 13.47
CA LEU A 166 0.95 3.09 13.87
C LEU A 166 -0.01 2.21 13.08
N SER A 167 0.22 2.04 11.77
CA SER A 167 -0.67 1.19 11.01
C SER A 167 -0.63 -0.25 11.49
N ALA A 168 0.59 -0.79 11.67
CA ALA A 168 0.70 -2.17 12.15
C ALA A 168 0.02 -2.35 13.50
N ALA A 169 0.12 -1.35 14.39
CA ALA A 169 -0.51 -1.45 15.71
C ALA A 169 -2.03 -1.42 15.62
N LEU A 170 -2.58 -0.54 14.78
CA LEU A 170 -4.01 -0.50 14.60
C LEU A 170 -4.56 -1.81 14.04
N LEU A 171 -3.84 -2.38 13.05
CA LEU A 171 -4.18 -3.69 12.50
C LEU A 171 -4.00 -4.82 13.51
N LYS A 172 -3.37 -4.54 14.65
CA LYS A 172 -3.03 -5.56 15.64
C LYS A 172 -2.27 -6.72 15.03
N LEU A 173 -1.36 -6.41 14.11
CA LEU A 173 -0.40 -7.42 13.71
C LEU A 173 0.49 -7.73 14.91
N PRO A 174 0.92 -8.99 15.10
CA PRO A 174 1.98 -9.26 16.08
C PRO A 174 3.23 -8.45 15.75
N VAL A 175 3.93 -8.00 16.79
CA VAL A 175 5.12 -7.18 16.57
C VAL A 175 6.11 -7.87 15.63
N ALA A 176 6.25 -9.19 15.73
CA ALA A 176 7.16 -9.94 14.84
C ALA A 176 6.89 -9.67 13.38
N ASN A 177 5.67 -9.28 13.03
CA ASN A 177 5.26 -9.09 11.65
C ASN A 177 5.15 -7.64 11.26
N TRP A 178 5.39 -6.72 12.19
CA TRP A 178 5.39 -5.31 11.80
C TRP A 178 6.34 -4.96 10.65
N PRO A 179 7.52 -5.56 10.51
CA PRO A 179 8.41 -5.22 9.39
C PRO A 179 7.81 -5.55 8.03
N ALA A 180 6.68 -6.26 7.99
CA ALA A 180 6.00 -6.46 6.69
C ALA A 180 5.62 -5.15 6.04
N LEU A 181 5.46 -4.06 6.79
CA LEU A 181 5.05 -2.77 6.22
C LEU A 181 6.27 -1.88 6.06
N GLY A 182 6.53 -1.53 4.80
N GLY A 182 6.34 -1.13 4.97
CA GLY A 182 7.79 -1.00 4.37
CA GLY A 182 7.26 -0.01 4.98
C GLY A 182 7.79 0.50 4.44
C GLY A 182 7.32 0.73 3.66
N GLY A 183 8.40 1.09 3.44
N GLY A 183 8.29 1.64 3.57
CA GLY A 183 8.50 2.52 3.38
CA GLY A 183 8.65 2.25 2.30
C GLY A 183 7.27 3.16 2.79
C GLY A 183 7.81 3.41 1.84
N MET A 184 7.23 4.45 2.97
N MET A 184 7.17 4.13 2.75
CA MET A 184 6.25 5.33 2.36
CA MET A 184 6.30 5.23 2.33
C MET A 184 7.03 6.33 1.53
C MET A 184 7.07 6.27 1.52
N GLY A 185 6.47 6.72 0.39
CA GLY A 185 7.12 7.64 -0.50
C GLY A 185 6.78 9.10 -0.23
N ASN A 186 7.33 9.97 -1.10
CA ASN A 186 7.27 11.44 -1.11
C ASN A 186 5.81 11.89 -1.16
N ALA A 187 5.25 12.36 -0.03
CA ALA A 187 3.83 12.79 0.01
C ALA A 187 2.87 11.68 -0.46
N SER A 188 3.22 10.44 -0.18
CA SER A 188 2.36 9.30 -0.40
C SER A 188 1.46 9.10 0.81
N TRP A 189 0.38 8.34 0.64
CA TRP A 189 -0.58 8.18 1.72
C TRP A 189 -1.03 6.73 1.86
N THR A 190 -1.56 6.45 3.04
CA THR A 190 -2.05 5.15 3.46
C THR A 190 -3.45 5.36 4.01
N GLN A 191 -4.32 4.37 3.84
CA GLN A 191 -5.67 4.44 4.36
C GLN A 191 -6.04 3.18 5.09
N LEU A 192 -6.51 3.29 6.34
N LEU A 192 -6.58 3.34 6.29
CA LEU A 192 -7.09 2.18 7.08
CA LEU A 192 -7.14 2.26 7.07
C LEU A 192 -8.56 2.48 7.31
C LEU A 192 -8.63 2.50 7.22
N SER A 193 -9.37 1.43 7.40
CA SER A 193 -10.78 1.53 7.77
C SER A 193 -10.98 0.83 9.09
N GLY A 194 -11.60 1.54 10.04
CA GLY A 194 -11.95 0.95 11.31
C GLY A 194 -13.42 0.56 11.35
N HIS A 195 -13.69 -0.74 11.39
CA HIS A 195 -15.05 -1.24 11.33
C HIS A 195 -15.52 -1.55 12.75
N TRP A 196 -16.73 -1.11 13.09
CA TRP A 196 -17.17 -1.43 14.44
C TRP A 196 -18.68 -1.57 14.48
N ALA A 197 -19.14 -2.39 15.44
CA ALA A 197 -20.55 -2.46 15.73
C ALA A 197 -20.90 -1.37 16.74
N PRO A 198 -22.04 -0.71 16.56
CA PRO A 198 -22.48 0.30 17.52
C PRO A 198 -22.43 -0.21 18.96
N GLY A 199 -21.81 0.58 19.83
CA GLY A 199 -21.66 0.24 21.22
C GLY A 199 -20.29 -0.27 21.60
N SER A 200 -19.42 -0.56 20.64
CA SER A 200 -18.14 -1.16 20.94
C SER A 200 -17.15 -0.12 21.45
N ASP A 201 -16.19 -0.60 22.25
CA ASP A 201 -15.11 0.23 22.77
C ASP A 201 -13.99 0.34 21.73
N PHE A 202 -12.96 1.14 22.01
CA PHE A 202 -11.93 1.38 20.98
C PHE A 202 -11.26 0.09 20.57
N GLU A 203 -10.98 -0.80 21.54
CA GLU A 203 -10.26 -2.02 21.21
C GLU A 203 -11.09 -2.97 20.37
N SER A 204 -12.43 -2.82 20.37
CA SER A 204 -13.30 -3.66 19.56
C SER A 204 -13.38 -3.22 18.11
N ILE A 205 -12.87 -2.05 17.76
CA ILE A 205 -12.79 -1.65 16.36
C ILE A 205 -11.78 -2.53 15.64
N ARG A 206 -12.20 -3.12 14.51
CA ARG A 206 -11.33 -3.94 13.68
C ARG A 206 -10.86 -3.09 12.50
N TRP A 207 -9.56 -2.87 12.42
CA TRP A 207 -8.96 -2.02 11.39
C TRP A 207 -8.50 -2.90 10.24
N ARG A 208 -8.64 -2.38 9.03
CA ARG A 208 -8.26 -3.08 7.82
C ARG A 208 -7.37 -2.14 7.01
N LEU A 209 -6.41 -2.68 6.29
CA LEU A 209 -5.53 -1.87 5.47
C LEU A 209 -6.15 -1.73 4.09
N ASP A 210 -6.70 -0.54 3.79
CA ASP A 210 -7.33 -0.36 2.49
C ASP A 210 -6.31 -0.05 1.44
N VAL A 211 -5.37 0.83 1.74
CA VAL A 211 -4.36 1.34 0.81
C VAL A 211 -3.06 1.51 1.59
N TRP A 212 -1.93 1.05 1.06
CA TRP A 212 -0.62 1.36 1.64
C TRP A 212 0.21 2.05 0.58
N ASN A 213 0.65 3.28 0.85
CA ASN A 213 1.67 3.97 0.06
C ASN A 213 1.22 4.26 -1.38
N ALA A 214 0.02 4.86 -1.52
CA ALA A 214 -0.48 5.37 -2.78
C ALA A 214 0.11 6.75 -3.05
N SER A 215 0.15 7.15 -4.32
CA SER A 215 0.73 8.45 -4.60
C SER A 215 -0.10 9.17 -5.65
N ALA A 216 0.12 10.48 -5.74
CA ALA A 216 -0.46 11.27 -6.82
C ALA A 216 0.46 11.25 -8.02
N GLN A 217 -0.12 11.03 -9.20
CA GLN A 217 0.66 11.12 -10.43
C GLN A 217 0.93 12.57 -10.80
N VAL A 218 2.17 12.84 -11.20
CA VAL A 218 2.66 14.20 -11.47
C VAL A 218 3.28 14.23 -12.85
N SER A 219 2.96 15.27 -13.62
CA SER A 219 3.42 15.31 -15.01
C SER A 219 4.92 15.59 -15.08
N SER A 220 5.54 15.08 -16.15
CA SER A 220 6.96 15.30 -16.36
C SER A 220 7.30 16.78 -16.50
N ASP A 221 6.34 17.60 -16.92
CA ASP A 221 6.58 19.04 -17.02
C ASP A 221 6.74 19.66 -15.63
N VAL A 222 5.95 19.22 -14.65
CA VAL A 222 6.04 19.82 -13.32
C VAL A 222 7.17 19.23 -12.50
N LEU A 223 7.63 18.01 -12.80
CA LEU A 223 8.87 17.52 -12.21
C LEU A 223 10.07 18.30 -12.74
N LYS A 224 10.04 18.71 -14.00
CA LYS A 224 11.18 19.41 -14.58
C LYS A 224 11.30 20.84 -14.05
N LEU A 225 10.18 21.48 -13.70
CA LEU A 225 10.25 22.81 -13.13
C LEU A 225 10.72 22.78 -11.67
N ALA A 226 10.21 21.83 -10.87
CA ALA A 226 10.68 21.74 -9.49
C ALA A 226 12.16 21.38 -9.42
N ALA A 227 12.67 20.65 -10.43
CA ALA A 227 14.09 20.37 -10.49
C ALA A 227 14.89 21.61 -10.86
N ALA A 228 14.35 22.42 -11.78
CA ALA A 228 15.00 23.67 -12.13
C ALA A 228 14.96 24.68 -10.98
N LEU A 229 13.88 24.68 -10.21
CA LEU A 229 13.80 25.59 -9.07
C LEU A 229 14.69 25.14 -7.92
N GLU A 230 14.82 23.82 -7.71
CA GLU A 230 15.75 23.33 -6.70
C GLU A 230 17.19 23.56 -7.13
N HIS A 231 17.49 23.38 -8.43
CA HIS A 231 18.85 23.62 -8.90
C HIS A 231 19.22 25.09 -8.80
N HIS A 232 18.35 25.97 -9.30
CA HIS A 232 18.67 27.40 -9.32
C HIS A 232 18.69 28.03 -7.93
N HIS A 233 18.23 27.32 -6.91
CA HIS A 233 18.38 27.73 -5.52
C HIS A 233 19.43 26.83 -4.88
N HIS A 234 20.69 27.04 -5.30
CA HIS A 234 21.82 26.16 -4.97
C HIS A 234 21.87 25.72 -3.51
N MET B 1 22.69 -7.06 -7.36
CA MET B 1 22.54 -7.78 -6.09
C MET B 1 21.66 -7.02 -5.09
N ARG B 2 20.60 -6.37 -5.58
CA ARG B 2 19.72 -5.54 -4.75
C ARG B 2 18.44 -6.28 -4.41
N ALA B 3 17.35 -5.54 -4.19
CA ALA B 3 16.06 -6.14 -3.88
C ALA B 3 15.32 -6.47 -5.18
N ARG B 4 14.50 -7.52 -5.12
CA ARG B 4 13.68 -7.92 -6.25
C ARG B 4 12.30 -7.30 -6.08
N ARG B 5 11.90 -6.42 -7.00
CA ARG B 5 10.59 -5.78 -6.93
C ARG B 5 9.57 -6.65 -7.68
N LEU B 6 8.44 -6.91 -7.03
CA LEU B 6 7.38 -7.77 -7.54
C LEU B 6 6.09 -6.94 -7.52
N VAL B 7 5.53 -6.66 -8.68
CA VAL B 7 4.30 -5.87 -8.82
C VAL B 7 3.17 -6.82 -9.16
N MET B 8 2.01 -6.65 -8.51
CA MET B 8 0.83 -7.44 -8.80
C MET B 8 -0.32 -6.51 -9.14
N LEU B 9 -0.89 -6.68 -10.31
CA LEU B 9 -1.90 -5.78 -10.86
C LEU B 9 -3.22 -6.55 -10.98
N ARG B 10 -4.29 -6.04 -10.39
N ARG B 10 -4.28 -6.02 -10.41
CA ARG B 10 -5.62 -6.65 -10.51
CA ARG B 10 -5.61 -6.60 -10.55
C ARG B 10 -6.32 -6.15 -11.76
C ARG B 10 -6.22 -6.17 -11.89
N HIS B 11 -7.08 -7.03 -12.43
CA HIS B 11 -7.83 -6.65 -13.62
C HIS B 11 -8.79 -5.51 -13.30
N GLY B 12 -9.26 -4.85 -14.36
CA GLY B 12 -10.27 -3.82 -14.21
C GLY B 12 -11.68 -4.38 -14.14
N GLN B 13 -12.65 -3.46 -14.17
CA GLN B 13 -14.05 -3.83 -14.02
C GLN B 13 -14.50 -4.75 -15.17
N THR B 14 -15.32 -5.75 -14.83
CA THR B 14 -15.86 -6.67 -15.82
C THR B 14 -17.29 -6.30 -16.23
N ASP B 15 -17.70 -6.83 -17.38
CA ASP B 15 -19.06 -6.68 -17.86
C ASP B 15 -19.81 -7.92 -17.38
N TYR B 16 -20.37 -7.81 -16.19
CA TYR B 16 -20.97 -8.97 -15.57
C TYR B 16 -21.82 -8.43 -14.44
N ASN B 17 -21.14 -8.04 -13.37
CA ASN B 17 -21.74 -7.32 -12.28
C ASN B 17 -20.81 -6.16 -11.96
N VAL B 18 -21.37 -5.15 -11.32
CA VAL B 18 -20.54 -4.13 -10.69
C VAL B 18 -21.03 -4.01 -9.26
N GLY B 19 -20.65 -4.99 -8.45
CA GLY B 19 -21.15 -5.13 -7.10
C GLY B 19 -20.56 -6.34 -6.43
N SER B 20 -21.41 -7.26 -5.97
CA SER B 20 -20.95 -8.35 -5.12
C SER B 20 -21.06 -9.72 -5.77
N ARG B 21 -21.41 -9.82 -7.05
CA ARG B 21 -21.49 -11.13 -7.68
C ARG B 21 -20.10 -11.71 -7.78
N MET B 22 -19.86 -12.81 -7.07
CA MET B 22 -18.52 -13.38 -7.06
C MET B 22 -18.22 -14.07 -8.38
N GLN B 23 -16.98 -13.94 -8.84
CA GLN B 23 -16.63 -14.49 -10.14
C GLN B 23 -15.77 -15.74 -10.06
N GLY B 24 -14.80 -15.77 -9.17
CA GLY B 24 -13.95 -16.95 -9.11
C GLY B 24 -13.27 -17.18 -10.45
N GLN B 25 -13.35 -18.43 -10.94
CA GLN B 25 -12.73 -18.81 -12.20
C GLN B 25 -13.67 -18.73 -13.39
N LEU B 26 -14.86 -18.15 -13.21
CA LEU B 26 -15.68 -17.84 -14.37
C LEU B 26 -14.92 -16.87 -15.25
N ASP B 27 -15.02 -17.05 -16.57
CA ASP B 27 -14.15 -16.31 -17.50
C ASP B 27 -14.90 -15.12 -18.09
N THR B 28 -15.11 -14.12 -17.24
CA THR B 28 -15.82 -12.91 -17.59
C THR B 28 -14.91 -11.94 -18.36
N GLU B 29 -15.53 -11.03 -19.11
CA GLU B 29 -14.76 -10.07 -19.90
C GLU B 29 -14.78 -8.69 -19.26
N LEU B 30 -13.71 -7.94 -19.52
CA LEU B 30 -13.68 -6.54 -19.14
C LEU B 30 -14.82 -5.78 -19.80
N SER B 31 -15.37 -4.82 -19.07
CA SER B 31 -16.23 -3.85 -19.72
C SER B 31 -15.37 -2.80 -20.41
N GLU B 32 -16.03 -1.87 -21.14
CA GLU B 32 -15.31 -0.74 -21.70
C GLU B 32 -14.63 0.06 -20.59
N LEU B 33 -15.31 0.21 -19.44
CA LEU B 33 -14.69 0.90 -18.31
C LEU B 33 -13.48 0.14 -17.78
N GLY B 34 -13.56 -1.19 -17.67
CA GLY B 34 -12.40 -1.97 -17.26
C GLY B 34 -11.23 -1.88 -18.23
N ARG B 35 -11.51 -1.77 -19.54
CA ARG B 35 -10.41 -1.60 -20.47
C ARG B 35 -9.75 -0.22 -20.30
N THR B 36 -10.56 0.81 -20.04
CA THR B 36 -10.03 2.13 -19.78
C THR B 36 -9.21 2.16 -18.49
N GLN B 37 -9.70 1.48 -17.44
CA GLN B 37 -8.93 1.38 -16.20
C GLN B 37 -7.60 0.66 -16.43
N ALA B 38 -7.59 -0.36 -17.30
CA ALA B 38 -6.35 -1.07 -17.57
C ALA B 38 -5.34 -0.18 -18.29
N VAL B 39 -5.81 0.68 -19.20
CA VAL B 39 -4.92 1.65 -19.84
C VAL B 39 -4.33 2.60 -18.81
N ALA B 40 -5.16 3.11 -17.91
CA ALA B 40 -4.68 4.06 -16.92
C ALA B 40 -3.59 3.44 -16.06
N ALA B 41 -3.79 2.20 -15.64
CA ALA B 41 -2.76 1.55 -14.82
C ALA B 41 -1.51 1.28 -15.65
N ALA B 42 -1.68 0.83 -16.90
CA ALA B 42 -0.51 0.58 -17.74
C ALA B 42 0.30 1.85 -18.00
N GLU B 43 -0.37 3.00 -18.14
CA GLU B 43 0.35 4.26 -18.33
C GLU B 43 1.31 4.52 -17.16
N VAL B 44 0.89 4.23 -15.92
CA VAL B 44 1.74 4.44 -14.75
C VAL B 44 2.82 3.38 -14.67
N LEU B 45 2.44 2.10 -14.74
CA LEU B 45 3.37 1.01 -14.52
C LEU B 45 4.35 0.84 -15.69
N GLY B 46 3.91 1.14 -16.91
CA GLY B 46 4.81 1.02 -18.05
C GLY B 46 6.08 1.84 -17.90
N LYS B 47 5.98 3.01 -17.28
CA LYS B 47 7.14 3.89 -17.13
C LYS B 47 8.28 3.24 -16.34
N ARG B 48 8.01 2.16 -15.60
N ARG B 48 8.01 2.16 -15.60
CA ARG B 48 8.99 1.55 -14.73
CA ARG B 48 9.00 1.57 -14.73
C ARG B 48 9.76 0.41 -15.36
C ARG B 48 9.74 0.40 -15.35
N GLN B 49 9.56 0.17 -16.64
CA GLN B 49 10.27 -0.86 -17.42
C GLN B 49 10.25 -2.25 -16.78
N PRO B 50 9.09 -2.89 -16.74
CA PRO B 50 9.04 -4.27 -16.25
C PRO B 50 10.06 -5.16 -16.96
N LEU B 51 10.56 -6.15 -16.21
CA LEU B 51 11.42 -7.17 -16.75
C LEU B 51 10.61 -8.20 -17.52
N LEU B 52 9.45 -8.55 -17.00
CA LEU B 52 8.57 -9.51 -17.66
C LEU B 52 7.18 -9.34 -17.07
N ILE B 53 6.19 -9.81 -17.82
CA ILE B 53 4.79 -9.77 -17.43
C ILE B 53 4.25 -11.19 -17.48
N VAL B 54 3.63 -11.64 -16.39
CA VAL B 54 2.97 -12.94 -16.33
C VAL B 54 1.52 -12.69 -15.93
N SER B 55 0.58 -13.27 -16.66
CA SER B 55 -0.83 -13.07 -16.43
C SER B 55 -1.59 -14.37 -16.22
N SER B 56 -2.64 -14.32 -15.41
CA SER B 56 -3.67 -15.34 -15.44
C SER B 56 -4.22 -15.50 -16.85
N ASP B 57 -4.67 -16.73 -17.16
CA ASP B 57 -5.28 -16.97 -18.46
C ASP B 57 -6.70 -16.47 -18.56
N LEU B 58 -7.32 -16.10 -17.45
CA LEU B 58 -8.68 -15.56 -17.49
C LEU B 58 -8.66 -14.23 -18.24
N ARG B 59 -9.62 -14.05 -19.14
CA ARG B 59 -9.56 -12.94 -20.09
C ARG B 59 -9.51 -11.59 -19.41
N ARG B 60 -10.22 -11.43 -18.29
CA ARG B 60 -10.21 -10.12 -17.63
C ARG B 60 -8.80 -9.74 -17.21
N ALA B 61 -7.98 -10.71 -16.84
CA ALA B 61 -6.60 -10.41 -16.47
C ALA B 61 -5.71 -10.30 -17.69
N TYR B 62 -5.82 -11.26 -18.61
CA TYR B 62 -5.00 -11.24 -19.81
C TYR B 62 -5.17 -9.94 -20.59
N ASP B 63 -6.40 -9.47 -20.75
CA ASP B 63 -6.61 -8.26 -21.55
C ASP B 63 -6.09 -7.03 -20.82
N THR B 64 -6.16 -7.03 -19.48
CA THR B 64 -5.50 -5.99 -18.72
C THR B 64 -3.99 -6.03 -18.97
N ALA B 65 -3.40 -7.24 -18.89
CA ALA B 65 -1.96 -7.39 -19.05
C ALA B 65 -1.48 -6.94 -20.42
N VAL B 66 -2.26 -7.20 -21.46
CA VAL B 66 -1.89 -6.81 -22.83
C VAL B 66 -1.71 -5.29 -22.94
N LYS B 67 -2.54 -4.51 -22.23
CA LYS B 67 -2.36 -3.05 -22.27
C LYS B 67 -0.98 -2.66 -21.75
N LEU B 68 -0.50 -3.36 -20.71
CA LEU B 68 0.84 -3.10 -20.20
C LEU B 68 1.89 -3.64 -21.16
N GLY B 69 1.65 -4.82 -21.76
CA GLY B 69 2.57 -5.31 -22.76
C GLY B 69 2.72 -4.37 -23.95
N GLU B 70 1.62 -3.76 -24.40
CA GLU B 70 1.69 -2.87 -25.55
C GLU B 70 2.56 -1.65 -25.27
N ARG B 71 2.52 -1.15 -24.03
CA ARG B 71 3.23 0.04 -23.60
C ARG B 71 4.67 -0.22 -23.21
N THR B 72 5.07 -1.48 -23.06
CA THR B 72 6.42 -1.82 -22.65
C THR B 72 7.20 -2.60 -23.69
N GLY B 73 6.55 -3.02 -24.76
CA GLY B 73 7.20 -3.87 -25.73
C GLY B 73 7.48 -5.26 -25.21
N LEU B 74 6.71 -5.75 -24.24
CA LEU B 74 6.88 -7.10 -23.72
C LEU B 74 5.72 -7.99 -24.12
N VAL B 75 6.00 -9.26 -24.29
CA VAL B 75 4.96 -10.26 -24.52
C VAL B 75 4.40 -10.70 -23.18
N VAL B 76 3.11 -10.98 -23.13
CA VAL B 76 2.46 -11.42 -21.92
C VAL B 76 2.57 -12.94 -21.82
N ARG B 77 3.36 -13.41 -20.87
CA ARG B 77 3.42 -14.82 -20.57
C ARG B 77 2.17 -15.18 -19.75
N VAL B 78 1.59 -16.35 -19.99
CA VAL B 78 0.35 -16.73 -19.33
C VAL B 78 0.59 -17.94 -18.44
N ASP B 79 0.11 -17.89 -17.20
CA ASP B 79 0.32 -18.97 -16.24
C ASP B 79 -0.98 -19.23 -15.51
N THR B 80 -1.52 -20.45 -15.64
CA THR B 80 -2.79 -20.80 -15.00
C THR B 80 -2.71 -20.76 -13.48
N ARG B 81 -1.51 -20.78 -12.89
CA ARG B 81 -1.41 -20.70 -11.43
C ARG B 81 -1.81 -19.33 -10.90
N LEU B 82 -1.98 -18.33 -11.77
CA LEU B 82 -2.43 -17.02 -11.37
C LEU B 82 -3.94 -16.86 -11.45
N ARG B 83 -4.68 -17.92 -11.71
CA ARG B 83 -6.15 -17.84 -11.72
C ARG B 83 -6.67 -17.40 -10.35
N GLU B 84 -7.81 -16.73 -10.37
CA GLU B 84 -8.50 -16.38 -9.14
C GLU B 84 -8.88 -17.64 -8.36
N THR B 85 -9.10 -17.49 -7.06
CA THR B 85 -9.69 -18.52 -6.23
C THR B 85 -10.86 -19.19 -6.94
N HIS B 86 -10.87 -20.53 -6.95
CA HIS B 86 -12.07 -21.22 -7.34
C HIS B 86 -13.07 -21.12 -6.19
N LEU B 87 -14.22 -20.50 -6.45
CA LEU B 87 -15.18 -20.24 -5.38
C LEU B 87 -16.30 -21.26 -5.31
N GLY B 88 -16.12 -22.42 -5.93
CA GLY B 88 -17.04 -23.54 -5.76
C GLY B 88 -18.47 -23.17 -6.04
N ASP B 89 -19.36 -23.59 -5.13
CA ASP B 89 -20.79 -23.34 -5.23
C ASP B 89 -21.14 -21.86 -5.19
N TRP B 90 -20.18 -20.99 -4.83
CA TRP B 90 -20.45 -19.56 -4.73
C TRP B 90 -20.13 -18.78 -5.99
N GLN B 91 -19.57 -19.41 -7.04
CA GLN B 91 -19.30 -18.68 -8.28
C GLN B 91 -20.60 -18.26 -8.95
N GLY B 92 -20.72 -16.98 -9.27
CA GLY B 92 -21.91 -16.45 -9.91
C GLY B 92 -22.98 -15.99 -8.95
N LEU B 93 -22.73 -16.03 -7.64
CA LEU B 93 -23.70 -15.64 -6.62
C LEU B 93 -23.34 -14.30 -6.01
N THR B 94 -24.38 -13.52 -5.67
CA THR B 94 -24.19 -12.29 -4.94
C THR B 94 -24.05 -12.58 -3.44
N HIS B 95 -23.58 -11.57 -2.71
CA HIS B 95 -23.61 -11.64 -1.25
C HIS B 95 -25.01 -11.95 -0.76
N ALA B 96 -26.03 -11.32 -1.36
CA ALA B 96 -27.39 -11.56 -0.89
C ALA B 96 -27.79 -13.02 -1.07
N GLN B 97 -27.38 -13.65 -2.18
CA GLN B 97 -27.74 -15.05 -2.39
C GLN B 97 -27.00 -15.96 -1.40
N ILE B 98 -25.70 -15.72 -1.21
CA ILE B 98 -24.92 -16.51 -0.25
C ILE B 98 -25.50 -16.37 1.16
N ASP B 99 -25.79 -15.12 1.56
CA ASP B 99 -26.24 -14.86 2.92
C ASP B 99 -27.61 -15.46 3.20
N ALA B 100 -28.45 -15.64 2.19
CA ALA B 100 -29.75 -16.26 2.40
C ALA B 100 -29.62 -17.77 2.60
N ASP B 101 -28.65 -18.38 1.94
CA ASP B 101 -28.44 -19.82 2.09
C ASP B 101 -27.81 -20.13 3.44
N ALA B 102 -26.80 -19.36 3.84
CA ALA B 102 -26.03 -19.64 5.06
C ALA B 102 -25.68 -18.31 5.74
N PRO B 103 -26.58 -17.78 6.56
CA PRO B 103 -26.24 -16.55 7.27
C PRO B 103 -25.00 -16.72 8.13
N GLY B 104 -24.13 -15.70 8.11
CA GLY B 104 -22.91 -15.73 8.89
C GLY B 104 -21.74 -16.42 8.23
N ALA B 105 -21.98 -17.25 7.23
CA ALA B 105 -20.90 -18.06 6.66
C ALA B 105 -19.91 -17.21 5.87
N ARG B 106 -20.41 -16.26 5.09
CA ARG B 106 -19.52 -15.43 4.29
C ARG B 106 -18.60 -14.59 5.18
N LEU B 107 -19.10 -14.15 6.33
CA LEU B 107 -18.24 -13.32 7.18
C LEU B 107 -17.24 -14.16 7.97
N ALA B 108 -17.62 -15.37 8.37
CA ALA B 108 -16.64 -16.27 8.94
C ALA B 108 -15.59 -16.63 7.91
N TRP B 109 -16.01 -16.77 6.65
CA TRP B 109 -15.11 -17.12 5.57
C TRP B 109 -14.03 -16.06 5.37
N ARG B 110 -14.43 -14.79 5.34
CA ARG B 110 -13.43 -13.73 5.18
C ARG B 110 -12.36 -13.80 6.26
N GLU B 111 -12.71 -14.26 7.47
CA GLU B 111 -11.76 -14.25 8.57
C GLU B 111 -11.00 -15.56 8.76
N ASP B 112 -11.29 -16.60 7.97
CA ASP B 112 -10.57 -17.88 8.06
C ASP B 112 -9.99 -18.19 6.69
N ALA B 113 -8.72 -17.87 6.50
CA ALA B 113 -8.09 -18.10 5.20
C ALA B 113 -7.94 -19.58 4.88
N THR B 114 -8.21 -20.48 5.83
CA THR B 114 -8.12 -21.92 5.57
C THR B 114 -9.46 -22.54 5.15
N TRP B 115 -10.52 -21.77 5.10
CA TRP B 115 -11.85 -22.31 4.93
C TRP B 115 -12.37 -22.09 3.51
N ALA B 116 -13.08 -23.09 3.01
CA ALA B 116 -13.71 -23.06 1.67
C ALA B 116 -15.08 -23.71 1.78
N PRO B 117 -16.05 -23.03 2.39
CA PRO B 117 -17.39 -23.63 2.57
C PRO B 117 -18.14 -23.90 1.27
N HIS B 118 -17.49 -23.69 0.13
CA HIS B 118 -18.18 -23.71 -1.16
C HIS B 118 -17.74 -24.87 -2.06
N GLY B 119 -16.88 -25.76 -1.59
CA GLY B 119 -16.34 -26.82 -2.43
C GLY B 119 -15.15 -26.40 -3.26
N GLY B 120 -14.76 -25.14 -3.23
CA GLY B 120 -13.63 -24.62 -3.99
C GLY B 120 -12.35 -24.56 -3.17
N GLU B 121 -11.56 -23.51 -3.40
CA GLU B 121 -10.26 -23.33 -2.77
C GLU B 121 -10.33 -22.37 -1.61
N SER B 122 -9.55 -22.64 -0.57
CA SER B 122 -9.30 -21.62 0.45
C SER B 122 -8.21 -20.66 -0.01
N ARG B 123 -8.09 -19.54 0.72
CA ARG B 123 -7.00 -18.61 0.42
C ARG B 123 -5.65 -19.27 0.62
N VAL B 124 -5.54 -20.13 1.64
CA VAL B 124 -4.31 -20.90 1.83
C VAL B 124 -4.03 -21.78 0.60
N ASP B 125 -5.04 -22.44 0.06
CA ASP B 125 -4.83 -23.23 -1.16
C ASP B 125 -4.33 -22.36 -2.30
N VAL B 126 -4.90 -21.16 -2.47
CA VAL B 126 -4.51 -20.30 -3.58
C VAL B 126 -3.06 -19.90 -3.42
N ALA B 127 -2.66 -19.49 -2.21
CA ALA B 127 -1.26 -19.19 -1.99
C ALA B 127 -0.38 -20.40 -2.30
N ALA B 128 -0.83 -21.60 -1.96
CA ALA B 128 0.04 -22.76 -2.14
C ALA B 128 0.24 -23.06 -3.62
N ARG B 129 -0.74 -22.77 -4.45
CA ARG B 129 -0.53 -23.07 -5.85
C ARG B 129 0.10 -21.94 -6.65
N SER B 130 0.10 -20.72 -6.13
CA SER B 130 0.72 -19.61 -6.83
C SER B 130 2.13 -19.28 -6.35
N ARG B 131 2.44 -19.50 -5.07
CA ARG B 131 3.79 -19.22 -4.61
C ARG B 131 4.87 -19.94 -5.43
N PRO B 132 4.67 -21.17 -5.93
CA PRO B 132 5.73 -21.79 -6.74
C PRO B 132 6.11 -21.02 -7.99
N LEU B 133 5.20 -20.22 -8.56
CA LEU B 133 5.58 -19.40 -9.70
C LEU B 133 6.61 -18.36 -9.28
N VAL B 134 6.44 -17.74 -8.11
CA VAL B 134 7.41 -16.73 -7.68
C VAL B 134 8.76 -17.39 -7.44
N ALA B 135 8.77 -18.57 -6.83
CA ALA B 135 10.03 -19.26 -6.63
C ALA B 135 10.70 -19.60 -7.96
N GLU B 136 9.93 -20.06 -8.95
CA GLU B 136 10.52 -20.38 -10.24
C GLU B 136 11.12 -19.15 -10.90
N LEU B 137 10.44 -18.01 -10.81
CA LEU B 137 10.98 -16.80 -11.42
C LEU B 137 12.27 -16.35 -10.73
N VAL B 138 12.35 -16.48 -9.40
CA VAL B 138 13.62 -16.20 -8.72
C VAL B 138 14.73 -17.07 -9.30
N ALA B 139 14.44 -18.35 -9.52
CA ALA B 139 15.46 -19.27 -10.01
C ALA B 139 15.85 -19.00 -11.46
N SER B 140 14.90 -18.54 -12.28
CA SER B 140 15.07 -18.55 -13.73
C SER B 140 15.35 -17.19 -14.36
N GLU B 141 15.26 -16.09 -13.60
CA GLU B 141 15.43 -14.74 -14.14
C GLU B 141 16.62 -14.09 -13.45
N PRO B 142 17.83 -14.35 -13.92
CA PRO B 142 19.02 -13.82 -13.26
C PRO B 142 19.11 -12.30 -13.27
N GLU B 143 18.44 -11.62 -14.20
CA GLU B 143 18.44 -10.16 -14.23
C GLU B 143 17.55 -9.53 -13.17
N TRP B 144 16.66 -10.30 -12.55
CA TRP B 144 15.72 -9.75 -11.57
C TRP B 144 16.44 -9.41 -10.28
N GLY B 145 16.46 -8.14 -9.92
CA GLY B 145 17.27 -7.70 -8.81
C GLY B 145 18.75 -7.71 -9.10
N GLY B 146 19.14 -7.87 -10.38
CA GLY B 146 20.53 -7.97 -10.75
C GLY B 146 21.23 -6.62 -10.71
N ALA B 147 22.55 -6.66 -10.91
CA ALA B 147 23.30 -5.42 -10.78
C ALA B 147 23.04 -4.42 -11.89
N ASP B 148 22.61 -4.87 -13.08
N ASP B 148 22.63 -4.89 -13.07
CA ASP B 148 22.48 -3.95 -14.20
CA ASP B 148 22.44 -4.00 -14.23
C ASP B 148 21.28 -3.02 -14.04
C ASP B 148 21.29 -3.03 -13.99
N GLU B 149 20.08 -3.57 -13.82
CA GLU B 149 18.86 -2.78 -13.67
C GLU B 149 18.05 -3.38 -12.54
N PRO B 150 18.51 -3.21 -11.29
CA PRO B 150 17.96 -3.99 -10.17
C PRO B 150 16.52 -3.67 -9.85
N ASP B 151 16.03 -2.51 -10.24
CA ASP B 151 14.69 -2.08 -9.87
C ASP B 151 13.63 -2.41 -10.90
N ARG B 152 14.00 -2.99 -12.04
CA ARG B 152 12.96 -3.39 -13.00
C ARG B 152 12.10 -4.49 -12.37
N PRO B 153 10.78 -4.32 -12.31
CA PRO B 153 9.93 -5.30 -11.63
C PRO B 153 9.46 -6.44 -12.51
N VAL B 154 9.23 -7.57 -11.87
CA VAL B 154 8.36 -8.60 -12.45
C VAL B 154 6.93 -8.18 -12.17
N VAL B 155 6.09 -8.19 -13.20
CA VAL B 155 4.69 -7.84 -13.02
C VAL B 155 3.84 -9.09 -13.19
N LEU B 156 3.01 -9.40 -12.20
CA LEU B 156 1.98 -10.44 -12.25
C LEU B 156 0.64 -9.74 -12.42
N VAL B 157 -0.17 -10.18 -13.37
CA VAL B 157 -1.49 -9.60 -13.60
C VAL B 157 -2.50 -10.67 -13.25
N ALA B 158 -3.36 -10.39 -12.29
CA ALA B 158 -4.23 -11.43 -11.77
C ALA B 158 -5.50 -10.85 -11.16
N HIS B 159 -5.82 -11.21 -9.92
CA HIS B 159 -7.18 -11.11 -9.39
C HIS B 159 -7.03 -10.81 -7.92
N GLY B 160 -8.09 -10.27 -7.33
CA GLY B 160 -8.00 -9.74 -5.97
C GLY B 160 -7.70 -10.81 -4.92
N GLY B 161 -8.36 -11.96 -5.03
CA GLY B 161 -8.14 -13.00 -4.03
C GLY B 161 -6.74 -13.59 -4.13
N LEU B 162 -6.31 -13.90 -5.34
CA LEU B 162 -4.95 -14.36 -5.58
C LEU B 162 -3.93 -13.37 -5.04
N ILE B 163 -4.10 -12.08 -5.32
CA ILE B 163 -3.08 -11.13 -4.92
C ILE B 163 -2.97 -11.01 -3.39
N ALA B 164 -4.12 -11.01 -2.71
CA ALA B 164 -4.09 -10.95 -1.26
C ALA B 164 -3.47 -12.22 -0.65
N ALA B 165 -3.84 -13.40 -1.16
CA ALA B 165 -3.33 -14.66 -0.60
C ALA B 165 -1.84 -14.81 -0.86
N LEU B 166 -1.40 -14.51 -2.10
CA LEU B 166 0.01 -14.63 -2.45
C LEU B 166 0.85 -13.61 -1.69
N SER B 167 0.39 -12.35 -1.60
CA SER B 167 1.11 -11.33 -0.84
C SER B 167 1.25 -11.73 0.63
N ALA B 168 0.14 -12.15 1.25
CA ALA B 168 0.23 -12.53 2.67
C ALA B 168 1.18 -13.70 2.88
N ALA B 169 1.18 -14.65 1.96
CA ALA B 169 2.07 -15.80 2.08
C ALA B 169 3.53 -15.38 1.92
N LEU B 170 3.82 -14.54 0.90
CA LEU B 170 5.20 -14.08 0.69
C LEU B 170 5.69 -13.30 1.91
N LEU B 171 4.81 -12.47 2.49
CA LEU B 171 5.16 -11.69 3.68
C LEU B 171 5.27 -12.54 4.94
N LYS B 172 4.87 -13.81 4.88
CA LYS B 172 4.89 -14.71 6.03
C LYS B 172 4.00 -14.19 7.16
N LEU B 173 2.93 -13.50 6.81
CA LEU B 173 1.93 -13.17 7.82
C LEU B 173 1.31 -14.46 8.34
N PRO B 174 1.07 -14.55 9.65
CA PRO B 174 0.29 -15.67 10.19
C PRO B 174 -1.10 -15.65 9.58
N VAL B 175 -1.67 -16.84 9.38
CA VAL B 175 -2.95 -16.92 8.65
C VAL B 175 -4.04 -16.10 9.34
N ALA B 176 -4.00 -16.01 10.67
CA ALA B 176 -4.99 -15.20 11.40
C ALA B 176 -5.02 -13.75 10.96
N ASN B 177 -3.91 -13.23 10.42
CA ASN B 177 -3.79 -11.83 10.02
C ASN B 177 -3.95 -11.60 8.52
N TRP B 178 -4.14 -12.64 7.73
CA TRP B 178 -4.40 -12.42 6.30
C TRP B 178 -5.58 -11.49 6.03
N PRO B 179 -6.67 -11.49 6.82
CA PRO B 179 -7.75 -10.52 6.57
C PRO B 179 -7.36 -9.07 6.79
N ALA B 180 -6.15 -8.77 7.29
CA ALA B 180 -5.74 -7.37 7.43
C ALA B 180 -5.70 -6.65 6.09
N LEU B 181 -5.45 -7.35 5.00
CA LEU B 181 -5.35 -6.74 3.67
C LEU B 181 -6.75 -6.53 3.10
N GLY B 182 -7.12 -5.27 2.86
CA GLY B 182 -8.40 -4.99 2.24
C GLY B 182 -8.40 -5.33 0.76
N GLY B 183 -9.60 -5.44 0.20
CA GLY B 183 -9.70 -5.92 -1.17
C GLY B 183 -9.10 -4.97 -2.19
N MET B 184 -8.41 -5.55 -3.17
CA MET B 184 -7.79 -4.79 -4.27
C MET B 184 -8.88 -4.21 -5.14
N GLY B 185 -8.70 -2.96 -5.59
CA GLY B 185 -9.66 -2.30 -6.43
C GLY B 185 -9.44 -2.56 -7.91
N ASN B 186 -10.29 -1.94 -8.71
CA ASN B 186 -10.29 -2.12 -10.16
C ASN B 186 -9.00 -1.56 -10.76
N ALA B 187 -8.21 -2.42 -11.42
CA ALA B 187 -6.91 -2.04 -12.00
C ALA B 187 -5.98 -1.39 -10.97
N SER B 188 -6.10 -1.80 -9.71
CA SER B 188 -5.15 -1.35 -8.70
C SER B 188 -3.97 -2.29 -8.65
N TRP B 189 -2.86 -1.83 -8.07
CA TRP B 189 -1.68 -2.66 -8.00
C TRP B 189 -1.03 -2.61 -6.62
N THR B 190 -0.18 -3.62 -6.41
CA THR B 190 0.54 -3.88 -5.18
C THR B 190 1.98 -4.13 -5.51
N GLN B 191 2.88 -3.78 -4.62
CA GLN B 191 4.29 -4.04 -4.86
C GLN B 191 4.91 -4.60 -3.59
N LEU B 192 5.64 -5.70 -3.74
CA LEU B 192 6.45 -6.26 -2.68
C LEU B 192 7.91 -6.17 -3.08
N SER B 193 8.81 -6.09 -2.09
CA SER B 193 10.23 -6.16 -2.36
C SER B 193 10.81 -7.36 -1.64
N GLY B 194 11.59 -8.15 -2.36
CA GLY B 194 12.24 -9.31 -1.79
C GLY B 194 13.71 -9.03 -1.57
N HIS B 195 14.12 -9.03 -0.31
CA HIS B 195 15.44 -8.56 0.00
C HIS B 195 16.44 -9.68 0.00
N TRP B 196 17.59 -9.40 -0.61
CA TRP B 196 18.71 -10.29 -0.90
C TRP B 196 19.04 -11.20 0.26
N ALA B 197 19.53 -12.40 -0.06
CA ALA B 197 19.85 -13.42 0.93
C ALA B 197 20.95 -14.30 0.36
N PRO B 198 21.79 -14.89 1.20
CA PRO B 198 22.89 -15.71 0.68
C PRO B 198 22.36 -16.97 -0.01
N GLY B 199 23.14 -17.46 -0.95
CA GLY B 199 22.84 -18.73 -1.59
C GLY B 199 21.67 -18.63 -2.55
N SER B 200 20.96 -19.75 -2.70
CA SER B 200 19.83 -19.88 -3.61
C SER B 200 18.52 -20.19 -2.89
N ASP B 201 18.46 -19.91 -1.58
CA ASP B 201 17.31 -20.28 -0.78
C ASP B 201 16.20 -19.26 -1.02
N PHE B 202 15.13 -19.70 -1.70
CA PHE B 202 13.95 -18.83 -1.83
C PHE B 202 13.34 -18.54 -0.48
N GLU B 203 13.35 -19.52 0.44
CA GLU B 203 12.76 -19.28 1.74
C GLU B 203 13.53 -18.24 2.54
N SER B 204 14.80 -18.03 2.22
CA SER B 204 15.60 -17.01 2.87
C SER B 204 15.28 -15.59 2.39
N ILE B 205 14.59 -15.43 1.26
CA ILE B 205 14.21 -14.09 0.83
C ILE B 205 13.13 -13.54 1.74
N ARG B 206 13.37 -12.34 2.28
N ARG B 206 13.36 -12.33 2.25
CA ARG B 206 12.40 -11.69 3.14
CA ARG B 206 12.42 -11.67 3.14
C ARG B 206 11.67 -10.63 2.32
C ARG B 206 11.67 -10.62 2.32
N TRP B 207 10.35 -10.77 2.23
CA TRP B 207 9.53 -9.84 1.49
C TRP B 207 8.93 -8.76 2.40
N ARG B 208 8.75 -7.57 1.84
N ARG B 208 8.86 -7.54 1.86
CA ARG B 208 8.15 -6.44 2.55
CA ARG B 208 8.19 -6.38 2.48
C ARG B 208 7.19 -5.74 1.60
C ARG B 208 7.07 -5.90 1.57
N LEU B 209 6.10 -5.22 2.16
CA LEU B 209 5.03 -4.60 1.38
C LEU B 209 5.44 -3.16 1.13
N ASP B 210 5.70 -2.83 -0.13
CA ASP B 210 6.01 -1.47 -0.52
C ASP B 210 4.75 -0.67 -0.84
N VAL B 211 3.77 -1.28 -1.50
CA VAL B 211 2.56 -0.63 -1.98
C VAL B 211 1.43 -1.65 -1.87
N TRP B 212 0.28 -1.24 -1.35
CA TRP B 212 -0.92 -2.09 -1.36
C TRP B 212 -2.06 -1.30 -1.97
N ASN B 213 -2.62 -1.77 -3.08
CA ASN B 213 -3.87 -1.23 -3.61
C ASN B 213 -3.76 0.24 -4.03
N ALA B 214 -2.65 0.59 -4.70
CA ALA B 214 -2.51 1.90 -5.33
C ALA B 214 -3.26 1.89 -6.65
N SER B 215 -3.67 3.07 -7.13
CA SER B 215 -4.40 3.12 -8.40
C SER B 215 -4.05 4.39 -9.13
N ALA B 216 -4.39 4.42 -10.41
CA ALA B 216 -4.22 5.61 -11.22
C ALA B 216 -5.44 6.49 -11.04
N GLN B 217 -5.20 7.80 -10.99
CA GLN B 217 -6.29 8.76 -10.99
C GLN B 217 -6.83 8.88 -12.42
N VAL B 218 -8.14 8.76 -12.57
CA VAL B 218 -8.80 8.84 -13.88
C VAL B 218 -9.92 9.88 -13.79
N SER B 219 -10.06 10.70 -14.82
CA SER B 219 -10.95 11.85 -14.73
C SER B 219 -12.40 11.41 -14.75
N SER B 220 -13.27 12.20 -14.11
CA SER B 220 -14.69 11.87 -14.05
C SER B 220 -15.29 11.83 -15.45
N ASP B 221 -14.83 12.70 -16.36
CA ASP B 221 -15.37 12.70 -17.71
C ASP B 221 -15.05 11.38 -18.42
N VAL B 222 -13.83 10.85 -18.22
CA VAL B 222 -13.48 9.59 -18.86
C VAL B 222 -14.25 8.43 -18.24
N LEU B 223 -14.37 8.42 -16.90
CA LEU B 223 -15.13 7.35 -16.26
C LEU B 223 -16.57 7.35 -16.75
N LYS B 224 -17.17 8.54 -16.90
CA LYS B 224 -18.55 8.65 -17.36
C LYS B 224 -18.70 8.13 -18.79
N LEU B 225 -17.78 8.54 -19.66
CA LEU B 225 -17.77 8.07 -21.03
C LEU B 225 -17.63 6.56 -21.12
N ALA B 226 -16.62 6.00 -20.44
CA ALA B 226 -16.37 4.57 -20.62
C ALA B 226 -17.50 3.74 -20.09
N ALA B 227 -18.12 4.17 -18.99
CA ALA B 227 -19.27 3.46 -18.48
C ALA B 227 -20.40 3.47 -19.51
N ALA B 228 -20.63 4.62 -20.14
CA ALA B 228 -21.74 4.77 -21.07
C ALA B 228 -21.54 3.94 -22.33
N LEU B 229 -20.30 3.70 -22.75
CA LEU B 229 -20.06 2.99 -24.01
C LEU B 229 -20.66 1.58 -23.99
N GLU B 230 -20.89 1.02 -22.81
CA GLU B 230 -21.30 -0.37 -22.68
C GLU B 230 -22.81 -0.59 -22.81
N HIS B 231 -23.61 0.46 -22.69
CA HIS B 231 -25.06 0.30 -22.52
C HIS B 231 -25.83 1.19 -23.49
N HIS B 232 -27.08 0.82 -23.70
CA HIS B 232 -28.06 1.65 -24.40
C HIS B 232 -29.17 2.09 -23.43
N HIS B 233 -28.78 2.42 -22.21
CA HIS B 233 -29.69 2.95 -21.20
C HIS B 233 -28.84 3.55 -20.07
C1 GOL C . -16.11 18.98 14.33
O1 GOL C . -15.09 18.43 13.54
C2 GOL C . -15.59 19.03 15.79
O2 GOL C . -14.68 20.04 16.01
C3 GOL C . -16.84 19.15 16.67
O3 GOL C . -16.39 18.98 17.99
C1 GOL D . 4.12 24.39 13.30
O1 GOL D . 3.55 24.94 14.45
C2 GOL D . 5.58 24.07 13.65
O2 GOL D . 5.66 23.19 14.70
C3 GOL D . 6.19 23.52 12.34
O3 GOL D . 6.76 24.58 11.66
CA CA E . -22.86 -3.95 -23.75
CA CA F . -28.83 -23.31 3.69
CA CA G . -4.48 9.01 -19.48
#